data_7UF2
#
_entry.id   7UF2
#
_cell.length_a   61.029
_cell.length_b   79.106
_cell.length_c   91.340
_cell.angle_alpha   90.000
_cell.angle_beta   90.000
_cell.angle_gamma   90.000
#
_symmetry.space_group_name_H-M   'C 2 2 21'
#
loop_
_entity.id
_entity.type
_entity.pdbx_description
1 polymer '3,4-dihydroxy-2-butanone 4-phosphate synthase'
2 non-polymer 5-O-phosphono-D-xylulose
3 non-polymer 'MANGANESE (II) ION'
4 non-polymer 1,2-ETHANEDIOL
5 water water
#
_entity_poly.entity_id   1
_entity_poly.type   'polypeptide(L)'
_entity_poly.pdbx_seq_one_letter_code
;MNQSSLLAEFGDPITRVENALQALREGRGVLLLDDEDRENEGDIIYAVESLTTAQMALMIRECSGIVCLCLTEAQADRLA
LPPMVVNNNSANQTAFTVSIEAKHGVTTGVSAQDRVTTIKTAANPQAKPEDLARPGHVFPLRARAGGVLARRGHTEGTVD
LMQMAGLQPAGVLCELTNPDGSMAKTPEIIEFGKLHNMPVLTIEDMVQYRIQFDLKLA
;
_entity_poly.pdbx_strand_id   A
#
# COMPACT_ATOMS: atom_id res chain seq x y z
N ASN A 2 -20.86 -12.43 8.57
CA ASN A 2 -20.75 -11.25 7.72
C ASN A 2 -19.46 -10.50 8.07
N GLN A 3 -18.87 -9.87 7.06
CA GLN A 3 -17.61 -9.16 7.24
C GLN A 3 -17.78 -7.95 8.16
N SER A 4 -18.88 -7.21 8.03
CA SER A 4 -19.04 -6.02 8.87
C SER A 4 -19.15 -6.41 10.32
N SER A 5 -19.73 -7.59 10.61
CA SER A 5 -19.80 -8.03 11.99
C SER A 5 -18.43 -8.49 12.50
N LEU A 6 -17.63 -9.11 11.64
CA LEU A 6 -16.30 -9.56 12.05
C LEU A 6 -15.39 -8.39 12.33
N LEU A 7 -15.56 -7.28 11.60
CA LEU A 7 -14.72 -6.11 11.80
C LEU A 7 -15.16 -5.23 12.97
N ALA A 8 -16.40 -5.36 13.44
CA ALA A 8 -16.86 -4.68 14.64
C ALA A 8 -15.80 -4.61 15.75
N GLU A 9 -15.05 -5.70 15.93
CA GLU A 9 -14.01 -5.73 16.94
C GLU A 9 -13.07 -4.52 16.84
N PHE A 10 -12.79 -4.10 15.61
CA PHE A 10 -11.86 -3.00 15.38
C PHE A 10 -12.49 -1.63 15.53
N GLY A 11 -13.76 -1.55 15.94
CA GLY A 11 -14.48 -0.30 16.00
C GLY A 11 -15.43 -0.11 14.80
N ASP A 12 -16.22 0.98 14.85
CA ASP A 12 -17.13 1.30 13.75
C ASP A 12 -16.31 1.79 12.56
N PRO A 13 -16.94 1.98 11.40
CA PRO A 13 -16.16 2.40 10.22
C PRO A 13 -15.30 3.64 10.45
N ILE A 14 -15.82 4.69 11.09
CA ILE A 14 -15.02 5.92 11.25
C ILE A 14 -13.82 5.65 12.15
N THR A 15 -14.02 4.86 13.20
CA THR A 15 -12.95 4.51 14.11
C THR A 15 -11.87 3.70 13.41
N ARG A 16 -12.30 2.76 12.56
CA ARG A 16 -11.36 1.93 11.83
C ARG A 16 -10.46 2.80 10.94
N VAL A 17 -11.03 3.84 10.31
CA VAL A 17 -10.22 4.76 9.53
C VAL A 17 -9.29 5.54 10.46
N GLU A 18 -9.84 6.13 11.53
N GLU A 18 -9.82 6.14 11.53
CA GLU A 18 -9.05 6.96 12.43
CA GLU A 18 -9.01 6.97 12.41
C GLU A 18 -7.89 6.16 13.04
C GLU A 18 -7.87 6.15 13.03
N ASN A 19 -8.15 4.91 13.44
CA ASN A 19 -7.08 4.09 13.99
C ASN A 19 -6.00 3.79 12.95
N ALA A 20 -6.42 3.53 11.70
CA ALA A 20 -5.45 3.27 10.63
C ALA A 20 -4.58 4.49 10.38
N LEU A 21 -5.19 5.67 10.34
CA LEU A 21 -4.41 6.86 10.10
C LEU A 21 -3.36 7.09 11.19
N GLN A 22 -3.75 6.86 12.44
CA GLN A 22 -2.84 7.05 13.54
C GLN A 22 -1.69 6.06 13.48
N ALA A 23 -1.99 4.79 13.18
CA ALA A 23 -0.91 3.81 13.02
C ALA A 23 0.10 4.28 11.97
N LEU A 24 -0.39 4.78 10.83
CA LEU A 24 0.53 5.24 9.80
C LEU A 24 1.38 6.42 10.31
N ARG A 25 0.76 7.35 11.06
CA ARG A 25 1.54 8.47 11.57
C ARG A 25 2.61 7.98 12.54
N GLU A 26 2.33 6.90 13.28
CA GLU A 26 3.32 6.28 14.13
C GLU A 26 4.31 5.39 13.38
N GLY A 27 4.23 5.32 12.06
CA GLY A 27 5.15 4.47 11.33
C GLY A 27 4.86 2.98 11.36
N ARG A 28 3.66 2.59 11.73
CA ARG A 28 3.23 1.21 11.74
C ARG A 28 2.44 0.92 10.46
N GLY A 29 2.17 -0.36 10.23
CA GLY A 29 1.41 -0.79 9.08
C GLY A 29 -0.06 -1.03 9.40
N VAL A 30 -0.86 -1.07 8.33
CA VAL A 30 -2.28 -1.36 8.41
C VAL A 30 -2.63 -2.44 7.39
N LEU A 31 -3.82 -3.01 7.57
CA LEU A 31 -4.34 -4.05 6.68
C LEU A 31 -5.59 -3.50 6.01
N LEU A 32 -5.55 -3.36 4.69
CA LEU A 32 -6.67 -2.82 3.93
C LEU A 32 -7.32 -3.92 3.09
N LEU A 33 -8.63 -4.13 3.33
CA LEU A 33 -9.47 -5.02 2.55
C LEU A 33 -10.25 -4.24 1.49
N ASP A 34 -10.34 -4.77 0.28
CA ASP A 34 -11.22 -4.15 -0.73
C ASP A 34 -12.59 -4.84 -0.67
N ASP A 35 -13.48 -4.54 -1.63
CA ASP A 35 -14.83 -5.06 -1.56
C ASP A 35 -14.85 -6.57 -1.70
N GLU A 36 -15.79 -7.20 -0.99
CA GLU A 36 -15.93 -8.66 -1.05
C GLU A 36 -16.21 -9.15 -2.46
N ASP A 37 -16.88 -8.37 -3.28
CA ASP A 37 -17.23 -8.77 -4.65
C ASP A 37 -16.18 -8.29 -5.65
N ARG A 38 -15.07 -7.74 -5.17
CA ARG A 38 -13.95 -7.37 -6.03
C ARG A 38 -12.87 -8.43 -5.89
N GLU A 39 -11.69 -8.06 -5.39
N GLU A 39 -11.68 -8.06 -5.39
CA GLU A 39 -10.66 -9.07 -5.17
CA GLU A 39 -10.64 -9.05 -5.17
C GLU A 39 -10.85 -9.79 -3.84
C GLU A 39 -10.84 -9.77 -3.85
N ASN A 40 -11.47 -9.11 -2.88
CA ASN A 40 -11.73 -9.69 -1.57
C ASN A 40 -10.40 -10.13 -0.94
N GLU A 41 -9.42 -9.23 -1.04
CA GLU A 41 -8.07 -9.49 -0.57
C GLU A 41 -7.69 -8.39 0.40
N GLY A 42 -6.84 -8.74 1.36
CA GLY A 42 -6.29 -7.77 2.29
C GLY A 42 -4.80 -7.58 2.01
N ASP A 43 -4.40 -6.33 1.89
CA ASP A 43 -3.01 -5.96 1.67
C ASP A 43 -2.41 -5.37 2.94
N ILE A 44 -1.16 -5.74 3.22
CA ILE A 44 -0.37 -4.94 4.15
C ILE A 44 0.01 -3.64 3.47
N ILE A 45 -0.19 -2.54 4.18
CA ILE A 45 0.11 -1.19 3.74
C ILE A 45 1.12 -0.56 4.69
N TYR A 46 2.18 0.05 4.13
CA TYR A 46 3.12 0.87 4.89
C TYR A 46 3.36 2.23 4.22
N ALA A 47 3.61 3.24 5.05
CA ALA A 47 4.10 4.52 4.56
C ALA A 47 5.55 4.40 4.11
N VAL A 48 5.89 4.97 2.95
CA VAL A 48 7.26 4.93 2.46
C VAL A 48 8.17 5.70 3.39
N GLU A 49 7.69 6.85 3.86
CA GLU A 49 8.43 7.77 4.71
C GLU A 49 9.09 7.09 5.89
N SER A 50 8.43 6.10 6.48
CA SER A 50 8.93 5.44 7.68
C SER A 50 9.31 3.99 7.42
N LEU A 51 9.45 3.62 6.14
CA LEU A 51 9.65 2.22 5.77
C LEU A 51 11.00 1.69 6.23
N THR A 52 11.01 0.51 6.84
CA THR A 52 12.23 -0.11 7.33
C THR A 52 12.45 -1.43 6.63
N THR A 53 13.72 -1.87 6.60
CA THR A 53 14.06 -3.20 6.11
C THR A 53 13.23 -4.28 6.80
N ALA A 54 12.99 -4.15 8.12
CA ALA A 54 12.26 -5.18 8.85
C ALA A 54 10.79 -5.22 8.42
N GLN A 55 10.20 -4.05 8.12
CA GLN A 55 8.84 -4.03 7.58
C GLN A 55 8.81 -4.68 6.21
N MET A 56 9.83 -4.40 5.36
CA MET A 56 9.85 -5.01 4.03
C MET A 56 10.04 -6.51 4.14
N ALA A 57 10.90 -6.95 5.05
CA ALA A 57 11.07 -8.39 5.27
C ALA A 57 9.76 -9.06 5.68
N LEU A 58 8.97 -8.42 6.54
CA LEU A 58 7.70 -9.01 6.94
C LEU A 58 6.76 -9.14 5.75
N MET A 59 6.65 -8.07 4.95
N MET A 59 6.63 -8.07 4.95
CA MET A 59 5.83 -8.10 3.73
CA MET A 59 5.81 -8.15 3.74
C MET A 59 6.23 -9.24 2.81
C MET A 59 6.23 -9.34 2.89
N ILE A 60 7.54 -9.48 2.62
CA ILE A 60 7.97 -10.51 1.69
C ILE A 60 7.64 -11.88 2.27
N ARG A 61 7.89 -12.03 3.57
CA ARG A 61 7.66 -13.30 4.28
C ARG A 61 6.19 -13.69 4.27
N GLU A 62 5.29 -12.72 4.48
CA GLU A 62 3.90 -13.01 4.78
C GLU A 62 2.96 -12.76 3.62
N CYS A 63 3.42 -12.08 2.57
CA CYS A 63 2.58 -11.70 1.44
C CYS A 63 3.10 -12.34 0.13
N SER A 64 2.49 -11.93 -0.98
CA SER A 64 2.83 -12.54 -2.26
C SER A 64 4.28 -12.30 -2.66
N GLY A 65 4.96 -11.33 -2.06
CA GLY A 65 6.30 -10.99 -2.50
C GLY A 65 6.33 -10.04 -3.68
N ILE A 66 5.21 -9.82 -4.34
CA ILE A 66 5.17 -8.87 -5.47
C ILE A 66 4.78 -7.54 -4.83
N VAL A 67 5.79 -6.85 -4.31
CA VAL A 67 5.59 -5.67 -3.47
C VAL A 67 5.51 -4.45 -4.38
N CYS A 68 4.44 -3.67 -4.23
CA CYS A 68 4.14 -2.60 -5.18
C CYS A 68 4.30 -1.24 -4.52
N LEU A 69 4.75 -0.25 -5.29
CA LEU A 69 4.89 1.12 -4.81
C LEU A 69 3.76 1.97 -5.39
N CYS A 70 2.87 2.47 -4.54
CA CYS A 70 1.75 3.29 -4.96
C CYS A 70 2.18 4.76 -5.00
N LEU A 71 2.08 5.35 -6.17
CA LEU A 71 2.53 6.71 -6.47
C LEU A 71 1.37 7.53 -6.98
N THR A 72 1.44 8.84 -6.78
CA THR A 72 0.58 9.76 -7.51
C THR A 72 0.93 9.73 -9.00
N GLU A 73 -0.05 10.09 -9.84
CA GLU A 73 0.23 10.24 -11.27
C GLU A 73 1.38 11.23 -11.48
N ALA A 74 1.41 12.29 -10.67
CA ALA A 74 2.42 13.31 -10.83
C ALA A 74 3.81 12.73 -10.57
N GLN A 75 3.95 11.96 -9.49
CA GLN A 75 5.26 11.39 -9.14
C GLN A 75 5.71 10.36 -10.18
N ALA A 76 4.79 9.50 -10.63
CA ALA A 76 5.11 8.57 -11.70
C ALA A 76 5.51 9.33 -12.96
N ASP A 77 4.86 10.46 -13.23
CA ASP A 77 5.23 11.30 -14.38
C ASP A 77 6.63 11.86 -14.19
N ARG A 78 6.94 12.36 -12.98
CA ARG A 78 8.28 12.85 -12.70
C ARG A 78 9.33 11.78 -12.99
N LEU A 79 9.03 10.52 -12.69
CA LEU A 79 10.00 9.45 -12.88
C LEU A 79 10.01 8.94 -14.31
N ALA A 80 9.17 9.48 -15.18
CA ALA A 80 9.08 9.02 -16.56
C ALA A 80 8.73 7.54 -16.61
N LEU A 81 7.69 7.14 -15.85
CA LEU A 81 7.28 5.75 -15.79
C LEU A 81 6.01 5.57 -16.62
N PRO A 82 6.09 5.10 -17.85
CA PRO A 82 4.87 4.82 -18.60
C PRO A 82 4.25 3.50 -18.17
N PRO A 83 3.02 3.21 -18.59
CA PRO A 83 2.41 1.91 -18.25
C PRO A 83 3.23 0.76 -18.81
N MET A 84 3.28 -0.34 -18.05
CA MET A 84 4.07 -1.47 -18.54
C MET A 84 3.48 -2.02 -19.84
N VAL A 85 2.19 -1.76 -20.08
CA VAL A 85 1.44 -2.29 -21.23
C VAL A 85 0.58 -1.19 -21.82
N VAL A 86 0.72 -0.95 -23.12
CA VAL A 86 -0.25 -0.09 -23.82
C VAL A 86 -1.64 -0.76 -23.81
N THR A 94 -5.29 -2.89 -13.29
CA THR A 94 -4.22 -2.54 -12.34
C THR A 94 -3.07 -1.82 -13.10
N ALA A 95 -2.74 -0.62 -12.61
CA ALA A 95 -1.97 0.35 -13.39
C ALA A 95 -0.46 0.19 -13.20
N PHE A 96 0.03 -1.01 -13.54
CA PHE A 96 1.46 -1.31 -13.44
C PHE A 96 2.26 -0.39 -14.38
N THR A 97 3.24 0.32 -13.85
CA THR A 97 4.28 0.85 -14.72
C THR A 97 5.33 -0.23 -15.00
N VAL A 98 6.30 0.11 -15.82
CA VAL A 98 7.49 -0.72 -15.92
C VAL A 98 8.11 -0.88 -14.51
N SER A 99 8.70 -2.03 -14.23
CA SER A 99 9.30 -2.21 -12.91
C SER A 99 10.60 -1.40 -12.83
N ILE A 100 11.05 -1.19 -11.58
CA ILE A 100 12.17 -0.28 -11.30
C ILE A 100 13.16 -0.86 -10.29
N GLU A 101 14.39 -0.37 -10.36
CA GLU A 101 15.49 -0.65 -9.45
C GLU A 101 16.22 0.66 -9.21
N ALA A 102 16.65 0.92 -7.97
CA ALA A 102 17.56 2.04 -7.77
C ALA A 102 18.79 1.86 -8.66
N LYS A 103 19.22 2.96 -9.28
CA LYS A 103 20.46 2.85 -10.07
C LYS A 103 21.68 2.72 -9.17
N HIS A 104 21.66 3.34 -7.99
CA HIS A 104 22.74 3.24 -7.03
C HIS A 104 22.28 2.78 -5.65
N GLY A 105 23.20 2.11 -4.95
CA GLY A 105 22.97 1.72 -3.58
C GLY A 105 22.39 0.34 -3.36
N VAL A 106 22.30 -0.48 -4.40
CA VAL A 106 21.71 -1.81 -4.33
C VAL A 106 22.68 -2.78 -5.00
N THR A 107 22.46 -4.09 -4.80
CA THR A 107 23.21 -5.09 -5.54
C THR A 107 22.25 -5.73 -6.53
N THR A 108 21.64 -6.88 -6.23
CA THR A 108 20.73 -7.55 -7.15
C THR A 108 19.32 -6.97 -7.10
N GLY A 109 19.01 -6.18 -6.09
CA GLY A 109 17.73 -5.52 -6.01
C GLY A 109 16.61 -6.29 -5.33
N VAL A 110 16.78 -7.58 -5.05
N VAL A 110 16.81 -7.58 -5.03
CA VAL A 110 15.67 -8.33 -4.48
CA VAL A 110 15.74 -8.41 -4.49
C VAL A 110 15.66 -8.39 -2.95
C VAL A 110 15.68 -8.40 -2.97
N SER A 111 16.79 -8.12 -2.30
CA SER A 111 16.81 -8.17 -0.85
C SER A 111 15.84 -7.13 -0.28
N ALA A 112 15.37 -7.39 0.95
CA ALA A 112 14.47 -6.43 1.57
C ALA A 112 15.10 -5.04 1.60
N GLN A 113 16.40 -4.98 1.93
CA GLN A 113 17.03 -3.67 2.04
C GLN A 113 17.08 -2.97 0.69
N ASP A 114 17.41 -3.74 -0.35
CA ASP A 114 17.49 -3.18 -1.69
C ASP A 114 16.14 -2.63 -2.14
N ARG A 115 15.05 -3.35 -1.84
CA ARG A 115 13.73 -2.90 -2.27
C ARG A 115 13.39 -1.58 -1.61
N VAL A 116 13.68 -1.48 -0.32
CA VAL A 116 13.46 -0.25 0.41
C VAL A 116 14.28 0.88 -0.21
N THR A 117 15.55 0.61 -0.53
CA THR A 117 16.39 1.62 -1.17
C THR A 117 15.78 2.09 -2.48
N THR A 118 15.28 1.14 -3.30
CA THR A 118 14.64 1.50 -4.57
C THR A 118 13.38 2.33 -4.33
N ILE A 119 12.57 1.94 -3.34
CA ILE A 119 11.32 2.63 -3.02
C ILE A 119 11.59 4.06 -2.59
N LYS A 120 12.54 4.25 -1.67
CA LYS A 120 12.84 5.59 -1.20
C LYS A 120 13.40 6.47 -2.33
N THR A 121 14.26 5.91 -3.18
CA THR A 121 14.75 6.62 -4.35
C THR A 121 13.60 7.08 -5.24
N ALA A 122 12.69 6.16 -5.56
CA ALA A 122 11.56 6.47 -6.43
C ALA A 122 10.62 7.51 -5.80
N ALA A 123 10.37 7.41 -4.48
CA ALA A 123 9.35 8.29 -3.88
C ALA A 123 9.90 9.66 -3.49
N ASN A 124 11.20 9.85 -3.53
CA ASN A 124 11.78 11.13 -3.19
C ASN A 124 11.12 12.22 -4.03
N PRO A 125 10.57 13.27 -3.41
CA PRO A 125 9.95 14.33 -4.21
C PRO A 125 10.93 15.04 -5.14
N GLN A 126 12.23 14.90 -4.92
CA GLN A 126 13.25 15.47 -5.82
C GLN A 126 13.85 14.45 -6.79
N ALA A 127 13.25 13.26 -6.91
CA ALA A 127 13.80 12.23 -7.77
C ALA A 127 13.82 12.65 -9.24
N LYS A 128 14.71 12.03 -9.99
CA LYS A 128 14.78 12.18 -11.43
C LYS A 128 14.72 10.81 -12.10
N PRO A 129 14.28 10.73 -13.34
CA PRO A 129 14.21 9.41 -14.01
C PRO A 129 15.52 8.65 -14.00
N GLU A 130 16.66 9.34 -14.21
CA GLU A 130 17.94 8.65 -14.19
C GLU A 130 18.23 7.98 -12.86
N ASP A 131 17.48 8.30 -11.82
CA ASP A 131 17.72 7.68 -10.54
C ASP A 131 17.36 6.19 -10.55
N LEU A 132 16.55 5.77 -11.53
CA LEU A 132 15.99 4.42 -11.53
C LEU A 132 16.41 3.68 -12.80
N ALA A 133 16.93 2.48 -12.63
CA ALA A 133 17.02 1.55 -13.74
C ALA A 133 15.67 0.86 -13.95
N ARG A 134 15.49 0.36 -15.17
CA ARG A 134 14.27 -0.36 -15.53
C ARG A 134 14.75 -1.49 -16.43
N PRO A 135 14.30 -2.76 -16.23
CA PRO A 135 13.32 -3.20 -15.23
C PRO A 135 13.97 -3.42 -13.89
N GLY A 136 13.22 -3.87 -12.91
CA GLY A 136 13.76 -4.21 -11.62
C GLY A 136 12.79 -5.03 -10.80
N HIS A 137 12.91 -4.92 -9.48
CA HIS A 137 12.14 -5.79 -8.61
C HIS A 137 11.16 -5.01 -7.72
N VAL A 138 10.93 -3.75 -8.00
CA VAL A 138 9.84 -3.02 -7.35
C VAL A 138 8.88 -2.63 -8.45
N PHE A 139 7.58 -2.74 -8.14
CA PHE A 139 6.54 -2.57 -9.13
C PHE A 139 5.65 -1.36 -8.84
N PRO A 140 5.86 -0.23 -9.51
CA PRO A 140 5.07 0.95 -9.19
C PRO A 140 3.68 0.89 -9.81
N LEU A 141 2.75 1.50 -9.10
CA LEU A 141 1.37 1.58 -9.53
C LEU A 141 0.91 3.03 -9.47
N ARG A 142 0.22 3.47 -10.51
CA ARG A 142 -0.34 4.82 -10.59
C ARG A 142 -1.73 4.85 -9.96
N ALA A 143 -1.89 5.63 -8.91
CA ALA A 143 -3.20 5.85 -8.32
C ALA A 143 -4.00 6.84 -9.15
N ARG A 144 -5.29 6.55 -9.32
CA ARG A 144 -6.18 7.45 -10.05
C ARG A 144 -6.40 8.75 -9.29
N ALA A 145 -6.45 9.86 -10.01
CA ALA A 145 -6.85 11.11 -9.37
C ALA A 145 -8.26 10.93 -8.79
N GLY A 146 -8.50 11.48 -7.61
CA GLY A 146 -9.71 11.22 -6.87
C GLY A 146 -9.64 10.06 -5.87
N GLY A 147 -8.64 9.19 -5.97
CA GLY A 147 -8.49 8.18 -4.92
C GLY A 147 -9.67 7.21 -4.91
N VAL A 148 -10.05 6.79 -3.71
CA VAL A 148 -11.07 5.77 -3.58
C VAL A 148 -12.42 6.28 -3.99
N LEU A 149 -12.59 7.59 -4.11
CA LEU A 149 -13.85 8.11 -4.65
C LEU A 149 -13.91 8.05 -6.18
N ALA A 150 -12.83 7.62 -6.84
CA ALA A 150 -12.78 7.44 -8.28
C ALA A 150 -12.56 6.00 -8.66
N ARG A 151 -11.69 5.29 -7.94
CA ARG A 151 -11.42 3.88 -8.17
C ARG A 151 -11.25 3.24 -6.80
N ARG A 152 -12.01 2.17 -6.55
CA ARG A 152 -12.06 1.51 -5.25
C ARG A 152 -10.97 0.43 -5.15
N GLY A 153 -9.74 0.84 -5.44
CA GLY A 153 -8.65 -0.12 -5.34
C GLY A 153 -7.74 0.10 -4.15
N HIS A 154 -6.98 -0.94 -3.79
CA HIS A 154 -5.98 -0.78 -2.75
C HIS A 154 -4.93 0.25 -3.15
N THR A 155 -4.72 0.44 -4.46
CA THR A 155 -3.75 1.44 -4.93
C THR A 155 -4.17 2.82 -4.47
N GLU A 156 -5.42 3.18 -4.75
CA GLU A 156 -5.98 4.45 -4.32
C GLU A 156 -6.12 4.53 -2.80
N GLY A 157 -6.56 3.46 -2.16
CA GLY A 157 -6.64 3.44 -0.70
C GLY A 157 -5.32 3.77 -0.06
N THR A 158 -4.24 3.16 -0.57
CA THR A 158 -2.91 3.38 -0.03
C THR A 158 -2.55 4.88 -0.09
N VAL A 159 -2.65 5.48 -1.26
CA VAL A 159 -2.24 6.88 -1.39
C VAL A 159 -3.20 7.80 -0.64
N ASP A 160 -4.49 7.49 -0.68
CA ASP A 160 -5.45 8.28 0.10
C ASP A 160 -5.11 8.21 1.58
N LEU A 161 -4.76 7.03 2.08
CA LEU A 161 -4.45 6.89 3.50
C LEU A 161 -3.29 7.79 3.90
N MET A 162 -2.24 7.86 3.06
CA MET A 162 -1.10 8.69 3.38
C MET A 162 -1.48 10.17 3.38
N GLN A 163 -2.24 10.60 2.39
CA GLN A 163 -2.66 12.00 2.33
C GLN A 163 -3.50 12.38 3.55
N MET A 164 -4.49 11.53 3.89
CA MET A 164 -5.37 11.82 5.01
C MET A 164 -4.62 11.82 6.32
N ALA A 165 -3.51 11.09 6.42
CA ALA A 165 -2.72 11.05 7.65
C ALA A 165 -1.71 12.19 7.72
N GLY A 166 -1.64 13.02 6.68
CA GLY A 166 -0.67 14.08 6.63
C GLY A 166 0.74 13.65 6.25
N LEU A 167 0.89 12.54 5.56
CA LEU A 167 2.19 12.00 5.20
C LEU A 167 2.48 12.23 3.72
N GLN A 168 3.72 11.98 3.33
CA GLN A 168 4.07 11.99 1.92
C GLN A 168 3.22 10.96 1.17
N PRO A 169 2.66 11.33 0.00
CA PRO A 169 1.65 10.50 -0.69
C PRO A 169 2.25 9.35 -1.49
N ALA A 170 2.94 8.47 -0.79
CA ALA A 170 3.56 7.29 -1.39
C ALA A 170 3.48 6.19 -0.33
N GLY A 171 3.05 5.01 -0.75
CA GLY A 171 3.02 3.88 0.17
C GLY A 171 3.30 2.60 -0.59
N VAL A 172 3.53 1.53 0.17
CA VAL A 172 3.75 0.22 -0.43
C VAL A 172 2.65 -0.74 -0.01
N LEU A 173 2.32 -1.69 -0.89
CA LEU A 173 1.30 -2.66 -0.56
C LEU A 173 1.74 -4.02 -1.03
N CYS A 174 1.13 -5.06 -0.46
CA CYS A 174 1.31 -6.43 -0.92
C CYS A 174 0.20 -7.30 -0.31
N GLU A 175 -0.21 -8.34 -1.05
CA GLU A 175 -1.38 -9.11 -0.71
C GLU A 175 -1.07 -10.17 0.35
N LEU A 176 -1.81 -10.17 1.47
CA LEU A 176 -1.58 -11.17 2.51
C LEU A 176 -1.94 -12.56 2.01
N THR A 177 -1.01 -13.49 2.19
CA THR A 177 -1.07 -14.83 1.63
C THR A 177 -0.99 -15.86 2.75
N ASN A 178 -1.82 -16.92 2.68
CA ASN A 178 -1.77 -18.00 3.64
C ASN A 178 -0.55 -18.89 3.36
N PRO A 179 -0.09 -19.63 4.37
CA PRO A 179 1.08 -20.50 4.14
C PRO A 179 0.93 -21.51 3.01
N ASP A 180 -0.29 -22.05 2.80
CA ASP A 180 -0.54 -22.99 1.71
C ASP A 180 -0.63 -22.29 0.35
N GLY A 181 -0.39 -20.98 0.30
CA GLY A 181 -0.39 -20.24 -0.93
C GLY A 181 -1.72 -19.65 -1.34
N SER A 182 -2.80 -19.95 -0.63
CA SER A 182 -4.03 -19.26 -0.94
C SER A 182 -4.00 -17.85 -0.36
N MET A 183 -4.87 -16.99 -0.85
CA MET A 183 -4.94 -15.60 -0.41
C MET A 183 -5.74 -15.51 0.87
N ALA A 184 -5.24 -14.74 1.83
CA ALA A 184 -5.93 -14.60 3.12
C ALA A 184 -7.30 -13.99 2.94
N LYS A 185 -8.27 -14.51 3.68
CA LYS A 185 -9.61 -13.93 3.71
C LYS A 185 -9.86 -13.31 5.08
N THR A 186 -11.00 -12.66 5.25
CA THR A 186 -11.20 -11.80 6.41
C THR A 186 -10.80 -12.45 7.73
N PRO A 187 -11.21 -13.67 8.06
CA PRO A 187 -10.81 -14.24 9.35
C PRO A 187 -9.30 -14.22 9.52
N GLU A 188 -8.57 -14.63 8.48
CA GLU A 188 -7.11 -14.72 8.55
C GLU A 188 -6.49 -13.34 8.65
N ILE A 189 -7.08 -12.36 7.94
CA ILE A 189 -6.60 -11.00 7.99
C ILE A 189 -6.76 -10.42 9.38
N ILE A 190 -7.94 -10.61 9.98
CA ILE A 190 -8.21 -10.15 11.32
C ILE A 190 -7.21 -10.73 12.29
N GLU A 191 -6.97 -12.04 12.19
CA GLU A 191 -6.02 -12.68 13.11
C GLU A 191 -4.62 -12.13 12.92
N PHE A 192 -4.20 -11.95 11.66
CA PHE A 192 -2.87 -11.40 11.39
C PHE A 192 -2.72 -10.00 11.97
N GLY A 193 -3.76 -9.19 11.86
CA GLY A 193 -3.71 -7.83 12.39
C GLY A 193 -3.60 -7.81 13.90
N LYS A 194 -4.30 -8.72 14.57
CA LYS A 194 -4.17 -8.81 16.03
C LYS A 194 -2.77 -9.28 16.40
N LEU A 195 -2.29 -10.31 15.72
CA LEU A 195 -0.95 -10.82 15.99
C LEU A 195 0.09 -9.73 15.84
N HIS A 196 0.00 -8.90 14.80
CA HIS A 196 1.05 -7.92 14.53
C HIS A 196 0.66 -6.50 14.89
N ASN A 197 -0.43 -6.33 15.63
CA ASN A 197 -0.87 -5.03 16.10
C ASN A 197 -1.08 -4.05 14.95
N MET A 198 -1.74 -4.52 13.88
CA MET A 198 -2.05 -3.63 12.76
C MET A 198 -3.55 -3.47 12.66
N PRO A 199 -4.03 -2.25 12.58
CA PRO A 199 -5.46 -2.03 12.40
C PRO A 199 -5.93 -2.54 11.05
N VAL A 200 -7.21 -2.91 11.00
CA VAL A 200 -7.86 -3.41 9.79
C VAL A 200 -8.97 -2.45 9.39
N LEU A 201 -9.09 -2.22 8.09
CA LEU A 201 -10.14 -1.37 7.57
C LEU A 201 -10.42 -1.78 6.13
N THR A 202 -11.52 -1.25 5.59
CA THR A 202 -11.95 -1.59 4.24
C THR A 202 -11.98 -0.36 3.37
N ILE A 203 -12.03 -0.58 2.05
CA ILE A 203 -12.17 0.55 1.13
C ILE A 203 -13.51 1.23 1.35
N GLU A 204 -14.55 0.44 1.61
CA GLU A 204 -15.85 0.97 1.96
C GLU A 204 -15.76 1.95 3.11
N ASP A 205 -15.04 1.55 4.17
CA ASP A 205 -14.79 2.44 5.31
C ASP A 205 -14.24 3.77 4.83
N MET A 206 -13.23 3.73 3.96
CA MET A 206 -12.61 4.97 3.54
C MET A 206 -13.54 5.79 2.67
N VAL A 207 -14.33 5.14 1.82
CA VAL A 207 -15.25 5.90 0.97
C VAL A 207 -16.26 6.65 1.83
N GLN A 208 -16.90 5.96 2.78
CA GLN A 208 -17.88 6.66 3.63
C GLN A 208 -17.19 7.77 4.42
N TYR A 209 -15.96 7.51 4.89
CA TYR A 209 -15.25 8.52 5.67
C TYR A 209 -14.98 9.76 4.83
N ARG A 210 -14.41 9.58 3.63
CA ARG A 210 -14.11 10.75 2.80
C ARG A 210 -15.37 11.51 2.42
N ILE A 211 -16.46 10.80 2.13
CA ILE A 211 -17.66 11.51 1.70
C ILE A 211 -18.24 12.34 2.85
N GLN A 212 -18.36 11.74 4.04
CA GLN A 212 -19.06 12.40 5.14
C GLN A 212 -18.21 13.51 5.74
N PHE A 213 -16.90 13.30 5.83
CA PHE A 213 -16.01 14.37 6.23
C PHE A 213 -15.64 15.24 5.04
N ASP A 214 -16.41 15.13 3.95
CA ASP A 214 -16.40 16.03 2.80
C ASP A 214 -14.95 16.39 2.44
N LEU A 215 -14.17 15.33 2.20
CA LEU A 215 -12.71 15.38 2.22
C LEU A 215 -12.12 15.19 0.83
N LYS A 216 -11.95 16.30 0.10
CA LYS A 216 -11.16 16.32 -1.12
C LYS A 216 -9.67 16.34 -0.78
N LEU A 217 -8.88 15.70 -1.61
CA LEU A 217 -7.46 15.54 -1.33
C LEU A 217 -6.64 15.96 -2.55
#